data_3EB9
#
_entry.id   3EB9
#
_cell.length_a   49.460
_cell.length_b   87.210
_cell.length_c   64.790
_cell.angle_alpha   90.00
_cell.angle_beta   96.53
_cell.angle_gamma   90.00
#
_symmetry.space_group_name_H-M   'P 1 21 1'
#
loop_
_entity.id
_entity.type
_entity.pdbx_description
1 polymer 6-phosphogluconolactonase
2 non-polymer 'ZINC ION'
3 non-polymer 'CITRATE ANION'
4 water water
#
_entity_poly.entity_id   1
_entity_poly.type   'polypeptide(L)'
_entity_poly.pdbx_seq_one_letter_code
;MSFKPTISVHATPQELSAAGCRKIVEIIEASGSQQWPLSIALAGGSTPKMTYARLHDEHLNLLREKRALRFFMGDERMVP
ADSTDSNYNMAREVLLHDIPDDLVFPFDTSAVTPSAEATSADAMRVAEAYGKQLASLLPLKSVGEAGPKVPVFDVVLLGL
GSDGHTASIFPGSQAEKETDGKVVVSVGFPSETMKPKVWRVTLSPATIMQARNVIVLATGAEKKWVVDGILADTAHKAPV
ARFLRGCEGNVSFLLDKEIAENLAKF
;
_entity_poly.pdbx_strand_id   A,B
#
# COMPACT_ATOMS: atom_id res chain seq x y z
N SER A 2 1.06 16.47 16.18
CA SER A 2 0.33 17.10 15.09
C SER A 2 1.04 16.91 13.75
N PHE A 3 1.21 18.02 13.03
CA PHE A 3 1.86 18.00 11.72
C PHE A 3 3.37 18.03 11.77
N LYS A 4 3.99 16.92 11.40
CA LYS A 4 5.45 16.82 11.33
C LYS A 4 5.97 16.49 9.91
N PRO A 5 6.12 17.52 9.04
CA PRO A 5 6.65 17.23 7.70
C PRO A 5 8.15 17.48 7.55
N THR A 6 8.76 16.85 6.54
CA THR A 6 10.17 17.02 6.25
C THR A 6 10.27 18.26 5.36
N ILE A 7 11.18 19.16 5.72
CA ILE A 7 11.43 20.40 4.98
C ILE A 7 12.90 20.50 4.62
N SER A 8 13.19 20.73 3.34
CA SER A 8 14.57 20.90 2.91
C SER A 8 14.68 22.15 2.03
N VAL A 9 15.73 22.95 2.25
CA VAL A 9 15.89 24.14 1.44
C VAL A 9 17.01 24.11 0.43
N HIS A 10 16.74 24.67 -0.74
CA HIS A 10 17.67 24.63 -1.83
C HIS A 10 17.93 25.99 -2.46
N ALA A 11 19.21 26.31 -2.59
CA ALA A 11 19.64 27.60 -3.12
C ALA A 11 19.11 27.89 -4.52
N THR A 12 19.31 26.95 -5.44
CA THR A 12 18.94 27.11 -6.86
C THR A 12 17.82 26.19 -7.36
N PRO A 13 17.51 26.27 -8.67
CA PRO A 13 16.52 25.44 -9.39
C PRO A 13 17.15 24.11 -9.77
N GLN A 14 18.39 24.17 -10.22
CA GLN A 14 19.09 22.94 -10.58
C GLN A 14 19.14 22.07 -9.32
N GLU A 15 19.00 22.72 -8.17
CA GLU A 15 19.13 22.04 -6.88
C GLU A 15 17.84 21.48 -6.30
N LEU A 16 16.79 22.29 -6.35
CA LEU A 16 15.51 21.89 -5.80
C LEU A 16 14.99 20.74 -6.65
N SER A 17 15.07 20.92 -7.97
CA SER A 17 14.64 19.91 -8.96
C SER A 17 15.46 18.63 -8.83
N ALA A 18 16.76 18.79 -8.55
CA ALA A 18 17.67 17.69 -8.32
C ALA A 18 17.28 16.92 -7.07
N ALA A 19 16.78 17.64 -6.06
CA ALA A 19 16.36 16.99 -4.82
C ALA A 19 15.01 16.31 -5.05
N GLY A 20 14.17 16.93 -5.88
CA GLY A 20 12.84 16.43 -6.17
C GLY A 20 12.96 15.09 -6.88
N CYS A 21 13.89 15.00 -7.81
CA CYS A 21 14.08 13.77 -8.53
C CYS A 21 14.77 12.72 -7.65
N ARG A 22 15.65 13.18 -6.75
CA ARG A 22 16.36 12.32 -5.81
C ARG A 22 15.36 11.71 -4.81
N LYS A 23 14.37 12.51 -4.42
CA LYS A 23 13.33 12.04 -3.49
C LYS A 23 12.43 10.99 -4.14
N ILE A 24 12.12 11.15 -5.41
CA ILE A 24 11.29 10.15 -6.10
C ILE A 24 12.06 8.80 -6.26
N VAL A 25 13.29 8.85 -6.75
CA VAL A 25 14.11 7.66 -6.90
C VAL A 25 14.26 6.94 -5.54
N GLU A 26 14.39 7.70 -4.44
CA GLU A 26 14.54 7.11 -3.11
C GLU A 26 13.33 6.28 -2.70
N ILE A 27 12.15 6.83 -2.92
CA ILE A 27 10.90 6.11 -2.61
C ILE A 27 10.84 4.85 -3.51
N ILE A 28 11.18 5.03 -4.77
CA ILE A 28 11.11 3.91 -5.73
C ILE A 28 12.01 2.79 -5.21
N GLU A 29 13.26 3.16 -4.92
CA GLU A 29 14.24 2.18 -4.46
C GLU A 29 13.91 1.61 -3.11
N ALA A 30 13.44 2.46 -2.21
CA ALA A 30 13.06 2.00 -0.89
C ALA A 30 11.90 1.00 -0.98
N SER A 31 10.94 1.23 -1.89
CA SER A 31 9.81 0.30 -2.01
C SER A 31 10.25 -1.07 -2.53
N GLY A 32 11.27 -1.06 -3.38
CA GLY A 32 11.75 -2.30 -3.94
C GLY A 32 10.92 -2.74 -5.13
N SER A 33 11.55 -3.50 -6.00
CA SER A 33 10.97 -3.94 -7.27
C SER A 33 9.64 -4.71 -7.28
N GLN A 34 9.35 -5.46 -6.21
CA GLN A 34 8.06 -6.19 -6.12
C GLN A 34 6.84 -5.29 -6.03
N GLN A 35 7.04 -4.11 -5.50
CA GLN A 35 5.98 -3.12 -5.35
C GLN A 35 5.70 -2.31 -6.62
N TRP A 36 6.64 -2.34 -7.56
CA TRP A 36 6.51 -1.54 -8.77
C TRP A 36 5.48 -2.14 -9.73
N PRO A 37 4.85 -1.30 -10.57
CA PRO A 37 5.04 0.15 -10.67
C PRO A 37 4.33 0.91 -9.55
N LEU A 38 4.98 1.95 -9.02
CA LEU A 38 4.40 2.78 -7.98
C LEU A 38 3.59 3.82 -8.72
N SER A 39 2.44 4.18 -8.18
CA SER A 39 1.61 5.21 -8.82
C SER A 39 2.10 6.59 -8.38
N ILE A 40 2.27 7.50 -9.34
CA ILE A 40 2.69 8.85 -9.02
C ILE A 40 1.75 9.81 -9.76
N ALA A 41 1.23 10.82 -9.04
CA ALA A 41 0.37 11.82 -9.62
C ALA A 41 1.23 13.09 -9.87
N LEU A 42 1.46 13.40 -11.13
CA LEU A 42 2.31 14.55 -11.48
C LEU A 42 1.65 15.91 -11.34
N ALA A 43 2.48 16.93 -11.10
CA ALA A 43 2.06 18.33 -11.08
C ALA A 43 2.60 19.00 -12.35
N GLY A 44 1.97 20.13 -12.72
CA GLY A 44 2.44 20.97 -13.81
C GLY A 44 3.32 22.03 -13.15
N GLY A 45 3.85 22.99 -13.93
CA GLY A 45 4.74 24.01 -13.42
C GLY A 45 6.23 23.79 -13.75
N SER A 46 6.93 24.92 -13.83
CA SER A 46 8.38 25.00 -14.17
C SER A 46 9.30 24.22 -13.23
N THR A 47 8.96 24.20 -11.96
CA THR A 47 9.77 23.44 -11.01
C THR A 47 9.55 21.93 -11.20
N PRO A 48 8.27 21.48 -11.26
CA PRO A 48 8.18 20.02 -11.49
C PRO A 48 8.74 19.64 -12.85
N LYS A 49 8.55 20.49 -13.85
CA LYS A 49 9.10 20.21 -15.19
C LYS A 49 10.63 19.87 -15.15
N MET A 50 11.39 20.66 -14.40
CA MET A 50 12.83 20.41 -14.24
C MET A 50 13.13 19.06 -13.56
N THR A 51 12.27 18.67 -12.63
CA THR A 51 12.40 17.37 -11.92
C THR A 51 12.14 16.27 -12.97
N TYR A 52 11.14 16.47 -13.81
CA TYR A 52 10.85 15.51 -14.88
C TYR A 52 12.00 15.39 -15.90
N ALA A 53 12.60 16.52 -16.25
CA ALA A 53 13.71 16.52 -17.21
C ALA A 53 14.89 15.73 -16.64
N ARG A 54 15.05 15.77 -15.34
CA ARG A 54 16.12 15.03 -14.67
C ARG A 54 15.87 13.52 -14.61
N LEU A 55 14.61 13.11 -14.39
CA LEU A 55 14.27 11.68 -14.36
C LEU A 55 14.52 11.13 -15.75
N HIS A 56 14.19 11.94 -16.75
CA HIS A 56 14.39 11.58 -18.15
C HIS A 56 15.88 11.37 -18.46
N ASP A 57 16.68 12.37 -18.10
CA ASP A 57 18.10 12.41 -18.43
C ASP A 57 18.92 11.47 -17.61
N GLU A 58 18.46 11.22 -16.39
CA GLU A 58 19.28 10.46 -15.48
C GLU A 58 18.77 9.09 -15.06
N HIS A 59 17.46 8.89 -15.10
CA HIS A 59 16.86 7.63 -14.64
C HIS A 59 15.87 7.00 -15.61
N LEU A 60 16.07 7.13 -16.92
CA LEU A 60 15.11 6.53 -17.84
C LEU A 60 15.14 5.03 -17.76
N ASN A 61 16.30 4.44 -17.49
CA ASN A 61 16.35 2.98 -17.43
C ASN A 61 15.46 2.46 -16.30
N LEU A 62 15.52 3.13 -15.15
CA LEU A 62 14.65 2.77 -14.04
C LEU A 62 13.15 2.88 -14.39
N LEU A 63 12.78 3.86 -15.22
CA LEU A 63 11.38 4.11 -15.59
C LEU A 63 10.85 3.31 -16.78
N ARG A 64 11.74 3.03 -17.72
CA ARG A 64 11.37 2.35 -18.94
C ARG A 64 11.63 0.85 -18.84
N GLU A 65 12.91 0.48 -18.88
CA GLU A 65 13.37 -0.90 -18.78
C GLU A 65 12.88 -1.54 -17.47
N LYS A 66 13.04 -0.83 -16.35
CA LYS A 66 12.55 -1.33 -15.05
C LYS A 66 11.09 -1.06 -14.69
N ARG A 67 10.41 -0.19 -15.43
CA ARG A 67 8.99 0.12 -15.18
C ARG A 67 8.69 0.43 -13.71
N ALA A 68 9.45 1.35 -13.13
CA ALA A 68 9.29 1.67 -11.72
C ALA A 68 8.03 2.48 -11.37
N LEU A 69 7.60 3.37 -12.24
CA LEU A 69 6.42 4.22 -11.99
C LEU A 69 5.30 4.07 -13.00
N ARG A 70 4.07 4.22 -12.54
CA ARG A 70 2.91 4.35 -13.38
C ARG A 70 2.47 5.80 -13.15
N PHE A 71 2.41 6.55 -14.25
CA PHE A 71 2.16 8.00 -14.24
C PHE A 71 0.70 8.43 -14.40
N PHE A 72 0.27 9.29 -13.49
CA PHE A 72 -1.08 9.85 -13.52
C PHE A 72 -0.88 11.35 -13.40
N MET A 73 -1.94 12.11 -13.62
CA MET A 73 -1.93 13.57 -13.47
C MET A 73 -2.72 13.97 -12.24
N GLY A 74 -2.15 14.86 -11.42
CA GLY A 74 -2.85 15.26 -10.19
C GLY A 74 -3.91 16.30 -10.44
N ASP A 75 -3.67 17.07 -11.48
CA ASP A 75 -4.62 18.11 -11.91
C ASP A 75 -4.38 18.44 -13.38
N GLU A 76 -5.40 18.97 -14.05
CA GLU A 76 -5.21 19.25 -15.47
C GLU A 76 -6.12 20.36 -15.97
N ARG A 77 -5.66 21.06 -17.00
CA ARG A 77 -6.42 22.15 -17.62
C ARG A 77 -7.29 21.55 -18.73
N MET A 78 -8.52 22.04 -18.80
CA MET A 78 -9.48 21.52 -19.78
C MET A 78 -9.23 22.15 -21.14
N VAL A 79 -8.12 21.72 -21.75
CA VAL A 79 -7.66 22.16 -23.06
C VAL A 79 -7.14 20.89 -23.78
N PRO A 80 -7.00 20.94 -25.12
CA PRO A 80 -6.47 19.75 -25.81
C PRO A 80 -5.10 19.31 -25.29
N ALA A 81 -4.80 18.02 -25.37
CA ALA A 81 -3.47 17.53 -24.88
C ALA A 81 -2.24 18.17 -25.54
N ASP A 82 -2.36 18.56 -26.79
CA ASP A 82 -1.26 19.21 -27.52
C ASP A 82 -1.12 20.69 -27.16
N SER A 83 -1.99 21.19 -26.29
CA SER A 83 -1.94 22.60 -25.93
C SER A 83 -0.78 22.92 -25.01
N THR A 84 -0.19 24.09 -25.20
CA THR A 84 0.89 24.53 -24.35
C THR A 84 0.41 24.75 -22.91
N ASP A 85 -0.91 24.90 -22.73
CA ASP A 85 -1.48 25.11 -21.38
C ASP A 85 -1.80 23.79 -20.64
N SER A 86 -1.72 22.70 -21.35
CA SER A 86 -1.91 21.35 -20.81
C SER A 86 -0.73 20.85 -19.94
N ASN A 87 -1.00 20.42 -18.69
CA ASN A 87 0.05 19.88 -17.80
C ASN A 87 0.64 18.57 -18.36
N TYR A 88 -0.19 17.74 -18.97
CA TYR A 88 0.28 16.47 -19.53
C TYR A 88 1.20 16.74 -20.73
N ASN A 89 0.87 17.78 -21.50
CA ASN A 89 1.69 18.18 -22.66
C ASN A 89 3.08 18.53 -22.20
N MET A 90 3.18 19.27 -21.10
CA MET A 90 4.47 19.59 -20.52
C MET A 90 5.21 18.31 -20.09
N ALA A 91 4.58 17.52 -19.22
CA ALA A 91 5.20 16.30 -18.72
C ALA A 91 5.55 15.35 -19.88
N ARG A 92 4.69 15.28 -20.90
CA ARG A 92 4.98 14.48 -22.09
C ARG A 92 6.24 14.92 -22.82
N GLU A 93 6.33 16.22 -23.10
CA GLU A 93 7.47 16.78 -23.82
C GLU A 93 8.82 16.47 -23.14
N VAL A 94 8.88 16.64 -21.82
CA VAL A 94 10.14 16.45 -21.11
C VAL A 94 10.46 15.03 -20.63
N LEU A 95 9.46 14.18 -20.44
CA LEU A 95 9.71 12.85 -19.94
C LEU A 95 8.83 11.78 -20.55
N LEU A 96 7.52 11.96 -20.42
CA LEU A 96 6.59 10.94 -20.83
C LEU A 96 6.64 10.38 -22.27
N HIS A 97 7.18 11.12 -23.23
CA HIS A 97 7.28 10.60 -24.61
C HIS A 97 8.13 9.30 -24.65
N ASP A 98 9.02 9.10 -23.66
CA ASP A 98 9.88 7.92 -23.59
C ASP A 98 9.35 6.80 -22.68
N ILE A 99 8.20 7.02 -22.04
CA ILE A 99 7.62 6.06 -21.09
C ILE A 99 6.60 5.12 -21.75
N PRO A 100 6.65 3.82 -21.44
CA PRO A 100 5.69 2.87 -22.04
C PRO A 100 4.26 3.39 -21.91
N ASP A 101 3.48 3.34 -22.99
CA ASP A 101 2.08 3.83 -22.98
C ASP A 101 1.19 3.22 -21.89
N ASP A 102 1.43 1.96 -21.56
CA ASP A 102 0.67 1.32 -20.52
C ASP A 102 1.03 1.80 -19.11
N LEU A 103 1.99 2.73 -19.03
CA LEU A 103 2.37 3.29 -17.70
C LEU A 103 2.08 4.81 -17.67
N VAL A 104 1.27 5.28 -18.59
CA VAL A 104 1.00 6.72 -18.73
C VAL A 104 -0.49 6.91 -18.85
N PHE A 105 -1.06 7.70 -17.93
CA PHE A 105 -2.50 7.95 -17.89
C PHE A 105 -2.89 9.42 -17.80
N PRO A 106 -3.00 10.08 -18.97
CA PRO A 106 -3.46 11.48 -18.94
C PRO A 106 -5.00 11.52 -18.68
N PHE A 107 -5.52 12.70 -18.34
CA PHE A 107 -6.98 12.82 -18.25
C PHE A 107 -7.42 12.76 -19.70
N ASP A 108 -8.66 12.33 -19.92
CA ASP A 108 -9.19 12.25 -21.28
C ASP A 108 -9.93 13.55 -21.68
N THR A 109 -9.15 14.52 -22.17
CA THR A 109 -9.66 15.82 -22.60
C THR A 109 -10.02 15.80 -24.09
N SER A 110 -10.15 14.61 -24.67
CA SER A 110 -10.41 14.40 -26.10
C SER A 110 -11.65 15.15 -26.60
N ALA A 111 -12.55 15.50 -25.69
CA ALA A 111 -13.78 16.22 -26.04
C ALA A 111 -13.58 17.73 -26.13
N VAL A 112 -12.43 18.22 -25.65
CA VAL A 112 -12.12 19.66 -25.69
C VAL A 112 -11.45 20.04 -27.02
N THR A 113 -12.06 20.97 -27.74
CA THR A 113 -11.53 21.46 -29.02
C THR A 113 -11.21 22.93 -28.91
N PRO A 114 -10.44 23.46 -29.86
CA PRO A 114 -10.13 24.90 -29.84
C PRO A 114 -11.36 25.73 -30.27
N SER A 115 -12.47 25.05 -30.55
CA SER A 115 -13.69 25.73 -31.00
C SER A 115 -14.64 26.22 -29.91
N ALA A 116 -14.43 25.76 -28.68
CA ALA A 116 -15.32 26.09 -27.57
C ALA A 116 -14.64 25.90 -26.22
N GLU A 117 -14.69 26.92 -25.38
CA GLU A 117 -14.10 26.84 -24.06
C GLU A 117 -14.84 25.77 -23.31
N ALA A 118 -14.08 24.94 -22.59
CA ALA A 118 -14.70 23.91 -21.75
C ALA A 118 -15.43 24.64 -20.63
N THR A 119 -16.49 24.00 -20.11
CA THR A 119 -17.20 24.51 -18.93
C THR A 119 -17.02 23.50 -17.82
N SER A 120 -17.63 23.75 -16.68
CA SER A 120 -17.57 22.83 -15.56
C SER A 120 -18.24 21.51 -15.91
N ALA A 121 -19.22 21.53 -16.80
CA ALA A 121 -19.90 20.31 -17.20
C ALA A 121 -18.93 19.40 -17.93
N ASP A 122 -18.05 19.99 -18.73
CA ASP A 122 -17.03 19.24 -19.39
C ASP A 122 -16.01 18.73 -18.37
N ALA A 123 -15.57 19.63 -17.49
CA ALA A 123 -14.59 19.28 -16.46
C ALA A 123 -15.11 18.11 -15.67
N MET A 124 -16.40 18.15 -15.30
CA MET A 124 -16.99 17.10 -14.48
C MET A 124 -17.05 15.70 -15.10
N ARG A 125 -17.33 15.69 -16.40
CA ARG A 125 -17.39 14.45 -17.18
C ARG A 125 -15.96 13.88 -17.19
N VAL A 126 -14.98 14.73 -17.45
CA VAL A 126 -13.59 14.27 -17.43
C VAL A 126 -13.15 13.75 -16.05
N ALA A 127 -13.55 14.46 -14.99
CA ALA A 127 -13.26 14.07 -13.60
C ALA A 127 -13.82 12.69 -13.22
N GLU A 128 -15.08 12.48 -13.58
CA GLU A 128 -15.77 11.23 -13.26
C GLU A 128 -15.16 10.02 -13.96
N ALA A 129 -14.72 10.24 -15.20
CA ALA A 129 -14.10 9.20 -16.01
C ALA A 129 -12.70 8.84 -15.46
N TYR A 130 -11.93 9.87 -15.08
CA TYR A 130 -10.62 9.64 -14.47
C TYR A 130 -10.80 8.89 -13.16
N GLY A 131 -11.75 9.36 -12.34
CA GLY A 131 -12.05 8.74 -11.04
C GLY A 131 -12.34 7.25 -11.20
N LYS A 132 -13.07 6.90 -12.25
CA LYS A 132 -13.37 5.49 -12.52
C LYS A 132 -12.12 4.69 -12.86
N GLN A 133 -11.28 5.23 -13.73
CA GLN A 133 -10.00 4.60 -14.06
C GLN A 133 -9.11 4.44 -12.82
N LEU A 134 -9.09 5.46 -11.97
CA LEU A 134 -8.27 5.34 -10.78
C LEU A 134 -8.71 4.19 -9.88
N ALA A 135 -10.01 3.99 -9.73
CA ALA A 135 -10.55 2.91 -8.87
C ALA A 135 -10.28 1.50 -9.35
N SER A 136 -10.09 1.33 -10.64
CA SER A 136 -9.81 0.01 -11.16
C SER A 136 -8.30 -0.27 -11.13
N LEU A 137 -7.49 0.79 -11.16
CA LEU A 137 -6.05 0.65 -11.20
C LEU A 137 -5.33 0.71 -9.88
N LEU A 138 -5.86 1.51 -8.94
CA LEU A 138 -5.17 1.69 -7.68
C LEU A 138 -5.88 1.04 -6.48
N PRO A 139 -5.12 0.75 -5.42
CA PRO A 139 -5.78 0.20 -4.23
C PRO A 139 -6.72 1.28 -3.63
N LEU A 140 -7.83 0.84 -3.05
CA LEU A 140 -8.82 1.77 -2.51
C LEU A 140 -8.80 1.69 -0.99
N LYS A 141 -8.81 2.84 -0.33
CA LYS A 141 -8.78 2.90 1.15
C LYS A 141 -9.99 3.64 1.69
N SER A 142 -10.60 3.11 2.75
CA SER A 142 -11.77 3.75 3.37
C SER A 142 -11.30 5.00 4.12
N VAL A 143 -12.06 6.09 3.99
CA VAL A 143 -11.69 7.32 4.66
C VAL A 143 -12.20 7.28 6.10
N GLY A 144 -11.31 6.99 7.04
CA GLY A 144 -11.62 6.88 8.47
C GLY A 144 -12.08 5.52 8.96
N GLU A 145 -11.70 4.45 8.25
CA GLU A 145 -12.11 3.08 8.60
C GLU A 145 -13.58 2.84 8.30
N ALA A 146 -14.31 3.92 8.05
CA ALA A 146 -15.73 3.83 7.73
C ALA A 146 -16.00 4.44 6.35
N GLY A 147 -15.57 5.67 6.14
CA GLY A 147 -15.81 6.40 4.91
C GLY A 147 -15.63 5.65 3.61
N PRO A 148 -16.17 6.21 2.50
CA PRO A 148 -16.12 5.82 1.09
C PRO A 148 -14.67 5.49 0.67
N LYS A 149 -14.52 4.78 -0.44
CA LYS A 149 -13.20 4.35 -0.88
C LYS A 149 -12.51 5.29 -1.86
N VAL A 150 -11.31 5.72 -1.51
CA VAL A 150 -10.53 6.54 -2.42
C VAL A 150 -9.23 5.87 -2.77
N PRO A 151 -8.76 6.10 -4.00
CA PRO A 151 -7.53 5.46 -4.46
C PRO A 151 -6.32 5.95 -3.70
N VAL A 152 -5.39 5.04 -3.48
CA VAL A 152 -4.18 5.39 -2.76
C VAL A 152 -3.01 5.49 -3.71
N PHE A 153 -2.48 6.70 -3.87
CA PHE A 153 -1.32 6.92 -4.71
C PHE A 153 -0.11 6.65 -3.85
N ASP A 154 0.99 6.27 -4.48
CA ASP A 154 2.23 6.01 -3.72
C ASP A 154 2.90 7.36 -3.54
N VAL A 155 2.79 8.17 -4.60
CA VAL A 155 3.34 9.50 -4.61
C VAL A 155 2.41 10.50 -5.29
N VAL A 156 2.30 11.68 -4.69
CA VAL A 156 1.55 12.81 -5.27
C VAL A 156 2.52 13.97 -5.17
N LEU A 157 2.87 14.54 -6.32
CA LEU A 157 3.74 15.71 -6.37
C LEU A 157 2.84 16.94 -6.41
N LEU A 158 3.18 17.98 -5.65
CA LEU A 158 2.38 19.20 -5.64
C LEU A 158 3.19 20.48 -5.72
N GLY A 159 2.51 21.51 -6.22
CA GLY A 159 3.01 22.87 -6.27
C GLY A 159 2.11 23.71 -5.36
N LEU A 160 2.46 24.99 -5.22
CA LEU A 160 1.69 25.92 -4.39
C LEU A 160 1.55 27.19 -5.20
N GLY A 161 0.43 27.89 -5.03
CA GLY A 161 0.21 29.16 -5.72
C GLY A 161 0.27 30.23 -4.65
N SER A 162 0.45 31.49 -5.06
CA SER A 162 0.56 32.57 -4.08
C SER A 162 -0.81 32.91 -3.52
N ASP A 163 -1.83 32.22 -4.05
CA ASP A 163 -3.19 32.38 -3.57
C ASP A 163 -3.54 31.32 -2.52
N GLY A 164 -2.55 30.47 -2.18
CA GLY A 164 -2.67 29.43 -1.17
C GLY A 164 -3.14 28.08 -1.68
N HIS A 165 -3.43 27.99 -2.97
CA HIS A 165 -3.98 26.77 -3.58
C HIS A 165 -2.90 25.72 -3.87
N THR A 166 -3.35 24.50 -4.10
CA THR A 166 -2.46 23.42 -4.51
C THR A 166 -3.26 22.65 -5.54
N ALA A 167 -2.59 21.84 -6.34
CA ALA A 167 -3.25 21.15 -7.46
C ALA A 167 -4.14 22.18 -8.15
N SER A 168 -5.40 21.85 -8.44
CA SER A 168 -6.30 22.88 -8.95
C SER A 168 -7.42 23.03 -7.95
N ILE A 169 -7.05 22.97 -6.67
CA ILE A 169 -8.01 23.14 -5.59
C ILE A 169 -7.91 24.62 -5.21
N PHE A 170 -8.88 25.43 -5.69
CA PHE A 170 -8.88 26.87 -5.47
C PHE A 170 -9.65 27.37 -4.26
N PRO A 171 -9.29 28.57 -3.79
CA PRO A 171 -9.97 29.08 -2.58
C PRO A 171 -11.46 29.23 -2.85
N GLY A 172 -12.23 29.09 -1.78
CA GLY A 172 -13.68 29.19 -1.78
C GLY A 172 -14.31 28.07 -2.57
N SER A 173 -13.48 27.27 -3.22
CA SER A 173 -14.01 26.19 -4.06
C SER A 173 -14.78 25.05 -3.36
N GLN A 174 -15.50 24.28 -4.18
CA GLN A 174 -16.28 23.13 -3.73
C GLN A 174 -15.26 21.98 -3.59
N ALA A 175 -14.34 21.86 -4.54
CA ALA A 175 -13.25 20.86 -4.45
C ALA A 175 -12.53 20.92 -3.09
N GLU A 176 -12.31 22.14 -2.58
CA GLU A 176 -11.67 22.32 -1.28
C GLU A 176 -12.50 21.62 -0.18
N LYS A 177 -13.81 21.61 -0.37
CA LYS A 177 -14.69 20.98 0.60
C LYS A 177 -14.85 19.49 0.40
N GLU A 178 -14.19 18.92 -0.61
CA GLU A 178 -14.30 17.48 -0.84
C GLU A 178 -13.24 16.71 -0.09
N THR A 179 -13.50 16.54 1.20
CA THR A 179 -12.55 15.94 2.12
C THR A 179 -13.03 14.63 2.71
N ASP A 180 -14.26 14.23 2.41
CA ASP A 180 -14.78 12.99 2.99
C ASP A 180 -14.59 11.71 2.18
N GLY A 181 -14.12 11.83 0.94
CA GLY A 181 -13.87 10.63 0.15
C GLY A 181 -14.97 10.24 -0.81
N LYS A 182 -16.09 10.96 -0.80
CA LYS A 182 -17.15 10.68 -1.73
C LYS A 182 -16.77 11.09 -3.15
N VAL A 183 -15.94 12.13 -3.27
CA VAL A 183 -15.47 12.58 -4.60
C VAL A 183 -13.97 12.42 -4.66
N VAL A 184 -13.52 11.68 -5.67
CA VAL A 184 -12.11 11.36 -5.87
C VAL A 184 -11.38 12.44 -6.73
N VAL A 185 -12.04 12.87 -7.79
CA VAL A 185 -11.49 13.88 -8.70
C VAL A 185 -12.57 14.92 -8.77
N SER A 186 -12.22 16.14 -8.36
CA SER A 186 -13.17 17.26 -8.39
C SER A 186 -12.82 18.21 -9.56
N VAL A 187 -13.48 19.36 -9.58
CA VAL A 187 -13.28 20.36 -10.63
C VAL A 187 -12.98 21.73 -10.01
N GLY A 188 -12.50 22.67 -10.81
CA GLY A 188 -12.25 24.00 -10.25
C GLY A 188 -11.92 25.02 -11.29
N PHE A 189 -12.19 26.29 -10.97
CA PHE A 189 -11.85 27.41 -11.84
C PHE A 189 -10.83 28.28 -11.08
N PRO A 190 -9.77 28.74 -11.77
CA PRO A 190 -8.78 29.49 -10.99
C PRO A 190 -9.30 30.79 -10.38
N SER A 191 -8.53 31.24 -9.40
CA SER A 191 -8.77 32.51 -8.67
C SER A 191 -8.28 33.69 -9.50
N GLU A 192 -8.71 34.90 -9.13
CA GLU A 192 -8.36 36.09 -9.89
C GLU A 192 -6.90 36.18 -10.30
N THR A 193 -6.00 36.02 -9.34
CA THR A 193 -4.56 36.09 -9.60
C THR A 193 -3.92 34.91 -10.37
N MET A 194 -4.66 33.83 -10.61
CA MET A 194 -4.06 32.66 -11.28
C MET A 194 -4.52 32.42 -12.71
N LYS A 195 -3.60 31.93 -13.56
CA LYS A 195 -3.86 31.65 -14.99
C LYS A 195 -3.26 30.29 -15.36
N PRO A 196 -3.69 29.69 -16.50
CA PRO A 196 -4.70 30.15 -17.46
C PRO A 196 -6.11 30.09 -16.89
N LYS A 197 -6.95 30.94 -17.45
CA LYS A 197 -8.35 31.05 -17.08
C LYS A 197 -9.16 29.98 -17.77
N VAL A 198 -9.00 28.73 -17.35
CA VAL A 198 -9.71 27.60 -17.95
C VAL A 198 -10.13 26.67 -16.82
N TRP A 199 -11.22 25.96 -17.04
CA TRP A 199 -11.69 24.97 -16.07
C TRP A 199 -10.63 23.88 -15.88
N ARG A 200 -10.56 23.39 -14.64
CA ARG A 200 -9.60 22.35 -14.23
C ARG A 200 -10.30 21.11 -13.67
N VAL A 201 -9.60 20.00 -13.71
CA VAL A 201 -10.01 18.76 -13.02
C VAL A 201 -8.82 18.59 -12.04
N THR A 202 -9.06 18.00 -10.87
CA THR A 202 -8.02 17.89 -9.84
C THR A 202 -8.30 16.75 -8.89
N LEU A 203 -7.25 16.18 -8.31
CA LEU A 203 -7.50 15.17 -7.29
C LEU A 203 -8.13 15.97 -6.15
N SER A 204 -9.06 15.37 -5.44
CA SER A 204 -9.71 16.09 -4.35
C SER A 204 -8.79 16.05 -3.12
N PRO A 205 -9.07 16.89 -2.10
CA PRO A 205 -8.24 16.84 -0.90
C PRO A 205 -8.33 15.44 -0.25
N ALA A 206 -9.51 14.82 -0.23
CA ALA A 206 -9.62 13.48 0.38
C ALA A 206 -8.68 12.51 -0.32
N THR A 207 -8.59 12.58 -1.65
CA THR A 207 -7.71 11.68 -2.37
C THR A 207 -6.27 11.94 -1.97
N ILE A 208 -5.87 13.21 -2.03
CA ILE A 208 -4.50 13.59 -1.70
C ILE A 208 -4.12 13.16 -0.27
N MET A 209 -5.03 13.27 0.68
CA MET A 209 -4.69 12.92 2.06
C MET A 209 -4.53 11.42 2.34
N GLN A 210 -4.89 10.61 1.37
CA GLN A 210 -4.76 9.16 1.46
C GLN A 210 -3.47 8.69 0.78
N ALA A 211 -2.76 9.61 0.09
CA ALA A 211 -1.51 9.24 -0.61
C ALA A 211 -0.40 8.77 0.34
N ARG A 212 0.37 7.75 -0.07
CA ARG A 212 1.46 7.32 0.78
C ARG A 212 2.55 8.35 0.98
N ASN A 213 2.85 9.15 -0.04
CA ASN A 213 3.87 10.19 0.11
C ASN A 213 3.35 11.41 -0.65
N VAL A 214 3.58 12.59 -0.13
CA VAL A 214 3.20 13.84 -0.80
C VAL A 214 4.46 14.71 -0.84
N ILE A 215 4.87 15.10 -2.03
CA ILE A 215 6.03 15.95 -2.20
C ILE A 215 5.62 17.31 -2.78
N VAL A 216 5.86 18.36 -2.00
CA VAL A 216 5.52 19.73 -2.39
C VAL A 216 6.79 20.48 -2.73
N LEU A 217 6.87 20.98 -3.96
CA LEU A 217 7.98 21.79 -4.45
C LEU A 217 7.47 23.23 -4.61
N ALA A 218 8.09 24.17 -3.89
CA ALA A 218 7.68 25.55 -4.00
C ALA A 218 8.82 26.53 -3.88
N THR A 219 8.76 27.60 -4.66
CA THR A 219 9.76 28.68 -4.62
C THR A 219 9.11 30.06 -4.68
N GLY A 220 9.85 31.08 -4.25
CA GLY A 220 9.41 32.47 -4.30
C GLY A 220 8.95 33.03 -2.97
N ALA A 221 9.33 34.28 -2.72
CA ALA A 221 9.02 34.95 -1.46
C ALA A 221 7.50 35.08 -1.34
N GLU A 222 6.85 35.35 -2.46
CA GLU A 222 5.38 35.52 -2.53
C GLU A 222 4.55 34.33 -2.10
N LYS A 223 5.18 33.18 -1.93
CA LYS A 223 4.47 31.99 -1.53
C LYS A 223 4.81 31.66 -0.09
N LYS A 224 5.61 32.51 0.53
CA LYS A 224 5.99 32.25 1.92
C LYS A 224 4.81 32.20 2.88
N TRP A 225 3.84 33.09 2.69
CA TRP A 225 2.67 33.12 3.55
C TRP A 225 1.94 31.77 3.48
N VAL A 226 1.98 31.14 2.30
CA VAL A 226 1.31 29.85 2.11
C VAL A 226 1.94 28.75 2.96
N VAL A 227 3.26 28.62 2.88
CA VAL A 227 3.99 27.64 3.67
C VAL A 227 3.85 27.92 5.18
N ASP A 228 3.92 29.19 5.55
CA ASP A 228 3.76 29.57 6.95
C ASP A 228 2.40 29.16 7.41
N GLY A 229 1.41 29.41 6.55
CA GLY A 229 0.03 29.08 6.86
C GLY A 229 -0.29 27.60 6.95
N ILE A 230 0.49 26.76 6.27
CA ILE A 230 0.26 25.32 6.39
C ILE A 230 0.90 24.88 7.70
N LEU A 231 2.12 25.35 7.95
CA LEU A 231 2.84 24.95 9.17
C LEU A 231 2.36 25.54 10.50
N ALA A 232 1.69 26.69 10.48
CA ALA A 232 1.18 27.33 11.72
C ALA A 232 0.37 26.42 12.66
N ASP A 233 0.70 26.45 13.95
CA ASP A 233 -0.02 25.67 14.95
C ASP A 233 -1.52 25.86 14.89
N THR A 234 -1.95 27.10 14.75
CA THR A 234 -3.37 27.39 14.70
C THR A 234 -3.77 28.07 13.41
N ALA A 235 -4.86 27.61 12.81
CA ALA A 235 -5.31 28.17 11.55
C ALA A 235 -5.85 29.56 11.88
N HIS A 236 -5.51 30.54 11.06
CA HIS A 236 -6.04 31.87 11.30
C HIS A 236 -6.75 32.45 10.06
N LYS A 237 -5.99 32.69 9.01
CA LYS A 237 -6.56 33.15 7.70
C LYS A 237 -5.89 32.15 6.76
N ALA A 238 -6.20 30.88 6.99
CA ALA A 238 -5.50 29.79 6.34
C ALA A 238 -5.46 29.69 4.83
N PRO A 239 -4.36 29.17 4.30
CA PRO A 239 -4.46 28.95 2.85
C PRO A 239 -5.22 27.64 2.64
N VAL A 240 -5.73 27.45 1.44
CA VAL A 240 -6.41 26.19 1.06
C VAL A 240 -5.51 25.01 1.37
N ALA A 241 -4.25 25.15 1.02
CA ALA A 241 -3.26 24.09 1.18
C ALA A 241 -3.03 23.59 2.61
N ARG A 242 -3.61 24.29 3.58
CA ARG A 242 -3.47 23.87 4.97
C ARG A 242 -4.11 22.49 5.14
N PHE A 243 -5.04 22.10 4.25
CA PHE A 243 -5.65 20.74 4.36
C PHE A 243 -4.55 19.66 4.34
N LEU A 244 -3.37 20.03 3.86
CA LEU A 244 -2.27 19.07 3.76
C LEU A 244 -1.81 18.53 5.13
N ARG A 245 -2.13 19.28 6.17
CA ARG A 245 -1.82 18.90 7.54
C ARG A 245 -2.40 17.53 7.87
N GLY A 246 -3.52 17.19 7.23
CA GLY A 246 -4.19 15.94 7.49
C GLY A 246 -3.74 14.77 6.63
N CYS A 247 -2.66 14.93 5.87
CA CYS A 247 -2.22 13.81 5.04
C CYS A 247 -1.94 12.59 5.93
N GLU A 248 -2.33 11.41 5.46
CA GLU A 248 -2.10 10.18 6.22
C GLU A 248 -0.72 9.63 5.89
N GLY A 249 -0.10 10.10 4.81
CA GLY A 249 1.20 9.59 4.41
C GLY A 249 2.31 10.53 4.80
N ASN A 250 3.49 10.33 4.21
CA ASN A 250 4.62 11.21 4.45
C ASN A 250 4.42 12.50 3.65
N VAL A 251 4.81 13.62 4.24
CA VAL A 251 4.75 14.92 3.58
C VAL A 251 6.14 15.56 3.60
N SER A 252 6.53 16.13 2.46
CA SER A 252 7.84 16.77 2.33
C SER A 252 7.70 18.06 1.57
N PHE A 253 8.39 19.09 2.05
CA PHE A 253 8.40 20.37 1.35
C PHE A 253 9.85 20.61 0.89
N LEU A 254 10.01 20.83 -0.41
CA LEU A 254 11.28 21.12 -1.03
C LEU A 254 11.18 22.60 -1.42
N LEU A 255 11.92 23.43 -0.69
CA LEU A 255 11.82 24.86 -0.86
C LEU A 255 13.10 25.58 -1.26
N ASP A 256 12.93 26.71 -1.94
CA ASP A 256 14.05 27.57 -2.26
C ASP A 256 14.33 28.42 -1.00
N LYS A 257 15.33 29.32 -1.11
CA LYS A 257 15.71 30.17 0.03
C LYS A 257 14.66 31.22 0.42
N GLU A 258 14.12 31.92 -0.58
CA GLU A 258 13.09 32.94 -0.34
C GLU A 258 11.92 32.40 0.49
N ILE A 259 11.22 31.42 -0.10
CA ILE A 259 10.05 30.82 0.52
C ILE A 259 10.31 30.23 1.92
N ALA A 260 11.55 29.88 2.21
CA ALA A 260 11.88 29.28 3.51
C ALA A 260 12.05 30.30 4.64
N GLU A 261 13.15 31.05 4.59
CA GLU A 261 13.46 32.09 5.58
C GLU A 261 13.00 31.76 7.02
N SER B 2 12.25 -13.13 -12.43
CA SER B 2 11.28 -14.18 -12.12
C SER B 2 11.09 -14.27 -10.61
N PHE B 3 10.52 -15.39 -10.14
CA PHE B 3 10.33 -15.62 -8.70
C PHE B 3 11.73 -15.73 -8.07
N LYS B 4 12.10 -14.72 -7.29
CA LYS B 4 13.40 -14.77 -6.60
C LYS B 4 13.24 -14.41 -5.14
N PRO B 5 12.83 -15.39 -4.30
CA PRO B 5 12.68 -15.00 -2.90
C PRO B 5 14.02 -14.85 -2.17
N THR B 6 13.98 -14.17 -1.05
CA THR B 6 15.15 -14.02 -0.19
C THR B 6 15.13 -15.26 0.68
N ILE B 7 16.25 -15.94 0.80
CA ILE B 7 16.36 -17.11 1.66
C ILE B 7 17.51 -16.88 2.62
N SER B 8 17.29 -17.13 3.91
CA SER B 8 18.35 -17.07 4.91
C SER B 8 18.24 -18.40 5.65
N VAL B 9 19.40 -18.98 5.97
CA VAL B 9 19.50 -20.26 6.62
C VAL B 9 20.07 -20.03 8.02
N HIS B 10 19.53 -20.72 9.02
CA HIS B 10 19.95 -20.47 10.40
C HIS B 10 20.22 -21.76 11.12
N ALA B 11 21.34 -21.80 11.83
CA ALA B 11 21.82 -23.00 12.47
C ALA B 11 21.22 -23.30 13.84
N THR B 12 20.35 -22.41 14.33
CA THR B 12 19.76 -22.61 15.64
C THR B 12 18.37 -21.96 15.74
N PRO B 13 17.48 -22.53 16.56
CA PRO B 13 16.13 -21.96 16.76
C PRO B 13 16.21 -20.50 17.18
N GLN B 14 17.12 -20.20 18.12
CA GLN B 14 17.34 -18.84 18.62
C GLN B 14 17.70 -17.94 17.44
N GLU B 15 18.60 -18.43 16.59
CA GLU B 15 19.04 -17.70 15.43
C GLU B 15 17.87 -17.42 14.49
N LEU B 16 17.11 -18.46 14.13
CA LEU B 16 15.95 -18.26 13.26
C LEU B 16 14.96 -17.21 13.81
N SER B 17 14.61 -17.32 15.08
CA SER B 17 13.68 -16.37 15.68
C SER B 17 14.17 -14.90 15.68
N ALA B 18 15.49 -14.74 15.83
CA ALA B 18 16.14 -13.43 15.79
C ALA B 18 15.96 -12.87 14.39
N ALA B 19 16.12 -13.75 13.41
CA ALA B 19 15.97 -13.38 12.01
C ALA B 19 14.53 -12.95 11.71
N GLY B 20 13.56 -13.65 12.30
CA GLY B 20 12.14 -13.37 12.09
C GLY B 20 11.78 -11.97 12.62
N CYS B 21 12.10 -11.73 13.88
CA CYS B 21 11.86 -10.44 14.50
C CYS B 21 12.57 -9.33 13.76
N ARG B 22 13.80 -9.58 13.33
CA ARG B 22 14.55 -8.57 12.59
C ARG B 22 13.89 -8.18 11.30
N LYS B 23 13.45 -9.17 10.53
CA LYS B 23 12.79 -8.91 9.24
C LYS B 23 11.51 -8.09 9.40
N ILE B 24 10.77 -8.38 10.47
CA ILE B 24 9.51 -7.67 10.73
C ILE B 24 9.88 -6.24 11.13
N VAL B 25 10.81 -6.13 12.06
CA VAL B 25 11.29 -4.83 12.54
C VAL B 25 11.81 -3.98 11.36
N GLU B 26 12.54 -4.62 10.46
CA GLU B 26 13.05 -3.91 9.29
C GLU B 26 11.96 -3.36 8.42
N ILE B 27 10.87 -4.11 8.24
CA ILE B 27 9.74 -3.66 7.40
C ILE B 27 9.02 -2.48 8.07
N ILE B 28 8.96 -2.54 9.39
CA ILE B 28 8.34 -1.53 10.21
C ILE B 28 9.11 -0.22 10.07
N GLU B 29 10.43 -0.32 10.23
CA GLU B 29 11.36 0.80 10.14
C GLU B 29 11.51 1.36 8.75
N ALA B 30 11.42 0.48 7.75
CA ALA B 30 11.47 0.91 6.36
C ALA B 30 10.20 1.63 5.94
N SER B 31 9.06 1.18 6.43
CA SER B 31 7.81 1.89 6.20
C SER B 31 7.84 2.98 7.28
N GLY B 32 7.44 4.19 6.95
CA GLY B 32 7.51 5.23 7.97
C GLY B 32 6.47 5.06 9.05
N SER B 33 6.69 5.69 10.19
CA SER B 33 5.69 5.67 11.26
C SER B 33 4.42 6.28 10.68
N GLN B 34 4.56 7.00 9.56
CA GLN B 34 3.39 7.59 8.89
C GLN B 34 2.44 6.56 8.32
N GLN B 35 2.93 5.35 8.12
CA GLN B 35 2.07 4.29 7.64
C GLN B 35 1.70 3.26 8.72
N TRP B 36 2.12 3.51 9.96
CA TRP B 36 1.76 2.62 11.04
C TRP B 36 0.31 2.94 11.42
N PRO B 37 -0.45 1.93 11.91
CA PRO B 37 0.13 0.60 12.09
C PRO B 37 0.15 -0.18 10.80
N LEU B 38 1.15 -1.05 10.63
CA LEU B 38 1.19 -1.93 9.45
C LEU B 38 0.30 -3.10 9.79
N SER B 39 -0.31 -3.71 8.78
CA SER B 39 -1.14 -4.88 9.03
C SER B 39 -0.29 -6.14 8.87
N ILE B 40 -0.39 -7.04 9.85
CA ILE B 40 0.39 -8.28 9.78
C ILE B 40 -0.59 -9.44 10.09
N ALA B 41 -0.50 -10.51 9.30
CA ALA B 41 -1.33 -11.70 9.49
C ALA B 41 -0.42 -12.73 10.15
N LEU B 42 -0.74 -13.11 11.38
CA LEU B 42 0.08 -14.08 12.09
C LEU B 42 -0.19 -15.53 11.73
N ALA B 43 0.84 -16.38 11.89
CA ALA B 43 0.71 -17.81 11.67
C ALA B 43 0.80 -18.53 13.03
N GLY B 44 0.18 -19.71 13.14
CA GLY B 44 0.26 -20.52 14.35
C GLY B 44 1.51 -21.40 14.25
N GLY B 45 1.68 -22.39 15.14
CA GLY B 45 2.87 -23.23 15.07
C GLY B 45 4.00 -22.81 16.02
N SER B 46 4.91 -23.73 16.27
CA SER B 46 6.02 -23.48 17.21
C SER B 46 7.09 -22.54 16.76
N THR B 47 7.40 -22.52 15.46
CA THR B 47 8.41 -21.64 14.93
C THR B 47 7.97 -20.17 15.00
N PRO B 48 6.74 -19.87 14.48
CA PRO B 48 6.28 -18.48 14.62
C PRO B 48 6.21 -18.06 16.09
N LYS B 49 5.80 -18.98 16.95
CA LYS B 49 5.67 -18.65 18.38
C LYS B 49 6.99 -18.09 18.96
N MET B 50 8.12 -18.71 18.62
CA MET B 50 9.38 -18.19 19.13
C MET B 50 9.70 -16.79 18.59
N THR B 51 9.25 -16.50 17.37
CA THR B 51 9.46 -15.15 16.82
C THR B 51 8.63 -14.13 17.62
N TYR B 52 7.40 -14.51 17.94
CA TYR B 52 6.48 -13.68 18.69
C TYR B 52 7.05 -13.45 20.10
N ALA B 53 7.57 -14.51 20.70
CA ALA B 53 8.17 -14.40 22.04
C ALA B 53 9.29 -13.37 22.04
N ARG B 54 10.06 -13.35 20.95
CA ARG B 54 11.17 -12.43 20.80
C ARG B 54 10.71 -10.97 20.63
N LEU B 55 9.66 -10.76 19.83
CA LEU B 55 9.08 -9.44 19.64
C LEU B 55 8.66 -8.87 20.98
N HIS B 56 8.06 -9.73 21.80
CA HIS B 56 7.54 -9.37 23.12
C HIS B 56 8.65 -8.99 24.12
N ASP B 57 9.75 -9.77 24.08
CA ASP B 57 10.90 -9.59 24.99
C ASP B 57 11.78 -8.44 24.59
N GLU B 58 11.95 -8.28 23.28
CA GLU B 58 12.83 -7.28 22.74
C GLU B 58 12.23 -6.04 22.08
N HIS B 59 10.98 -6.12 21.60
CA HIS B 59 10.42 -5.00 20.84
C HIS B 59 9.05 -4.55 21.27
N LEU B 60 8.65 -4.79 22.52
CA LEU B 60 7.33 -4.40 22.99
C LEU B 60 7.12 -2.89 22.80
N ASN B 61 8.16 -2.11 23.05
CA ASN B 61 8.02 -0.67 22.87
C ASN B 61 7.53 -0.28 21.47
N LEU B 62 8.09 -0.90 20.45
CA LEU B 62 7.69 -0.65 19.08
C LEU B 62 6.19 -1.00 18.84
N LEU B 63 5.73 -2.09 19.43
CA LEU B 63 4.35 -2.58 19.22
C LEU B 63 3.28 -2.00 20.12
N ARG B 64 3.66 -1.68 21.35
CA ARG B 64 2.70 -1.21 22.33
C ARG B 64 2.67 0.34 22.41
N GLU B 65 3.77 0.94 22.85
CA GLU B 65 3.89 2.40 22.95
C GLU B 65 3.84 3.09 21.58
N LYS B 66 4.54 2.50 20.62
CA LYS B 66 4.61 3.06 19.27
C LYS B 66 3.51 2.57 18.34
N ARG B 67 2.85 1.46 18.67
CA ARG B 67 1.71 1.00 17.87
C ARG B 67 2.06 0.77 16.40
N ALA B 68 3.16 0.08 16.16
CA ALA B 68 3.64 -0.15 14.80
C ALA B 68 2.80 -1.13 13.99
N LEU B 69 2.18 -2.11 14.66
CA LEU B 69 1.43 -3.15 13.97
C LEU B 69 0.01 -3.27 14.41
N ARG B 70 -0.80 -3.69 13.44
CA ARG B 70 -2.15 -4.04 13.64
C ARG B 70 -2.15 -5.55 13.35
N PHE B 71 -2.49 -6.33 14.36
CA PHE B 71 -2.37 -7.78 14.28
C PHE B 71 -3.64 -8.50 13.88
N PHE B 72 -3.54 -9.33 12.86
CA PHE B 72 -4.64 -10.18 12.37
C PHE B 72 -4.09 -11.59 12.39
N MET B 73 -4.97 -12.53 12.11
CA MET B 73 -4.64 -13.94 12.04
C MET B 73 -4.80 -14.39 10.58
N GLY B 74 -3.80 -15.13 10.10
CA GLY B 74 -3.75 -15.64 8.74
C GLY B 74 -4.65 -16.86 8.56
N ASP B 75 -4.81 -17.59 9.64
CA ASP B 75 -5.66 -18.76 9.64
C ASP B 75 -6.03 -19.11 11.07
N GLU B 76 -7.13 -19.81 11.23
CA GLU B 76 -7.55 -20.14 12.59
C GLU B 76 -8.35 -21.43 12.66
N ARG B 77 -8.24 -22.12 13.80
CA ARG B 77 -9.02 -23.35 14.02
C ARG B 77 -10.36 -22.92 14.58
N MET B 78 -11.43 -23.56 14.14
CA MET B 78 -12.75 -23.23 14.61
C MET B 78 -13.01 -23.85 15.98
N VAL B 79 -12.35 -23.31 17.01
CA VAL B 79 -12.52 -23.72 18.41
C VAL B 79 -12.59 -22.42 19.21
N PRO B 80 -12.98 -22.49 20.49
CA PRO B 80 -13.08 -21.24 21.28
C PRO B 80 -11.70 -20.57 21.39
N ALA B 81 -11.68 -19.25 21.55
CA ALA B 81 -10.40 -18.51 21.67
C ALA B 81 -9.44 -18.87 22.81
N ASP B 82 -9.90 -19.64 23.81
CA ASP B 82 -9.02 -20.04 24.90
C ASP B 82 -8.69 -21.54 24.86
N SER B 83 -9.02 -22.20 23.75
CA SER B 83 -8.73 -23.60 23.61
C SER B 83 -7.25 -23.61 23.29
N THR B 84 -6.55 -24.70 23.65
CA THR B 84 -5.12 -24.84 23.36
C THR B 84 -4.86 -25.07 21.85
N ASP B 85 -5.92 -25.39 21.10
CA ASP B 85 -5.78 -25.61 19.67
C ASP B 85 -6.03 -24.31 18.90
N SER B 86 -6.25 -23.21 19.62
CA SER B 86 -6.44 -21.91 18.98
C SER B 86 -5.09 -21.23 18.63
N ASN B 87 -4.97 -20.78 17.39
CA ASN B 87 -3.79 -20.05 16.95
C ASN B 87 -3.74 -18.71 17.71
N TYR B 88 -4.88 -18.04 17.81
CA TYR B 88 -4.92 -16.76 18.51
C TYR B 88 -4.58 -16.97 19.99
N ASN B 89 -5.08 -18.04 20.60
CA ASN B 89 -4.74 -18.32 22.00
C ASN B 89 -3.23 -18.39 22.16
N MET B 90 -2.57 -19.09 21.23
CA MET B 90 -1.12 -19.16 21.29
C MET B 90 -0.45 -17.79 21.13
N ALA B 91 -0.90 -17.01 20.14
CA ALA B 91 -0.34 -15.66 19.88
C ALA B 91 -0.53 -14.73 21.07
N ARG B 92 -1.72 -14.72 21.63
CA ARG B 92 -2.00 -13.94 22.83
C ARG B 92 -1.07 -14.33 24.01
N GLU B 93 -0.95 -15.63 24.27
CA GLU B 93 -0.19 -16.10 25.44
C GLU B 93 1.22 -15.57 25.42
N VAL B 94 1.84 -15.67 24.25
CA VAL B 94 3.20 -15.23 24.01
C VAL B 94 3.41 -13.71 23.76
N LEU B 95 2.45 -13.05 23.12
CA LEU B 95 2.67 -11.64 22.77
C LEU B 95 1.48 -10.67 22.86
N LEU B 96 0.35 -11.06 22.28
CA LEU B 96 -0.77 -10.15 22.15
C LEU B 96 -1.38 -9.68 23.44
N HIS B 97 -1.24 -10.48 24.49
CA HIS B 97 -1.70 -10.09 25.81
C HIS B 97 -1.11 -8.71 26.21
N ASP B 98 -0.01 -8.29 25.57
CA ASP B 98 0.55 -6.99 25.90
C ASP B 98 0.23 -5.92 24.84
N ILE B 99 -0.45 -6.32 23.77
CA ILE B 99 -0.77 -5.37 22.68
C ILE B 99 -2.13 -4.76 22.92
N PRO B 100 -2.24 -3.42 22.80
CA PRO B 100 -3.55 -2.77 22.97
C PRO B 100 -4.64 -3.52 22.19
N ASP B 101 -5.78 -3.77 22.83
CA ASP B 101 -6.88 -4.55 22.23
C ASP B 101 -7.39 -4.08 20.87
N ASP B 102 -7.49 -2.76 20.71
CA ASP B 102 -7.92 -2.17 19.45
C ASP B 102 -6.93 -2.39 18.30
N LEU B 103 -5.77 -2.98 18.58
CA LEU B 103 -4.79 -3.30 17.51
C LEU B 103 -4.78 -4.78 17.21
N VAL B 104 -5.67 -5.50 17.87
CA VAL B 104 -5.71 -6.96 17.78
C VAL B 104 -7.06 -7.44 17.23
N PHE B 105 -6.99 -8.25 16.18
CA PHE B 105 -8.17 -8.70 15.47
C PHE B 105 -8.18 -10.21 15.28
N PRO B 106 -8.72 -10.93 16.26
CA PRO B 106 -8.90 -12.37 16.12
C PRO B 106 -10.13 -12.67 15.26
N PHE B 107 -10.18 -13.90 14.76
CA PHE B 107 -11.36 -14.33 14.03
C PHE B 107 -12.46 -14.38 15.09
N ASP B 108 -13.70 -14.12 14.67
CA ASP B 108 -14.78 -14.16 15.65
C ASP B 108 -15.31 -15.57 15.86
N THR B 109 -14.68 -16.29 16.79
CA THR B 109 -15.09 -17.66 17.14
C THR B 109 -16.00 -17.69 18.39
N SER B 110 -16.54 -16.53 18.77
CA SER B 110 -17.37 -16.41 19.98
C SER B 110 -18.52 -17.39 20.09
N ALA B 111 -19.11 -17.75 18.96
CA ALA B 111 -20.25 -18.67 18.92
C ALA B 111 -19.85 -20.16 18.97
N VAL B 112 -18.54 -20.43 18.91
CA VAL B 112 -18.04 -21.80 18.99
C VAL B 112 -18.00 -22.23 20.45
N THR B 113 -18.70 -23.31 20.78
CA THR B 113 -18.75 -23.82 22.15
C THR B 113 -18.17 -25.22 22.20
N PRO B 114 -17.79 -25.68 23.40
CA PRO B 114 -17.20 -27.02 23.55
C PRO B 114 -18.23 -28.11 23.48
N SER B 115 -19.50 -27.74 23.35
CA SER B 115 -20.56 -28.73 23.33
C SER B 115 -21.00 -29.20 21.95
N ALA B 116 -20.27 -28.80 20.92
CA ALA B 116 -20.58 -29.19 19.55
C ALA B 116 -19.47 -28.72 18.60
N GLU B 117 -19.12 -29.56 17.62
CA GLU B 117 -18.08 -29.15 16.68
C GLU B 117 -18.61 -28.25 15.58
N ALA B 118 -17.81 -27.24 15.24
CA ALA B 118 -18.18 -26.28 14.21
C ALA B 118 -18.39 -26.98 12.88
N THR B 119 -19.31 -26.45 12.08
CA THR B 119 -19.51 -27.01 10.75
C THR B 119 -18.81 -26.13 9.69
N SER B 120 -18.83 -26.55 8.42
CA SER B 120 -18.20 -25.73 7.38
C SER B 120 -18.99 -24.43 7.23
N ALA B 121 -20.31 -24.50 7.42
CA ALA B 121 -21.16 -23.32 7.36
C ALA B 121 -20.85 -22.31 8.47
N ASP B 122 -20.54 -22.79 9.67
CA ASP B 122 -20.18 -21.91 10.79
C ASP B 122 -18.91 -21.20 10.39
N ALA B 123 -17.97 -21.98 9.84
CA ALA B 123 -16.67 -21.49 9.39
C ALA B 123 -16.87 -20.44 8.30
N MET B 124 -17.81 -20.66 7.39
CA MET B 124 -18.03 -19.68 6.36
C MET B 124 -18.51 -18.37 6.95
N ARG B 125 -19.36 -18.44 7.98
CA ARG B 125 -19.84 -17.20 8.60
C ARG B 125 -18.70 -16.46 9.25
N VAL B 126 -17.85 -17.19 9.95
CA VAL B 126 -16.65 -16.60 10.55
C VAL B 126 -15.76 -15.93 9.46
N ALA B 127 -15.50 -16.66 8.36
CA ALA B 127 -14.73 -16.19 7.22
C ALA B 127 -15.31 -14.90 6.59
N GLU B 128 -16.62 -14.87 6.35
CA GLU B 128 -17.29 -13.70 5.77
C GLU B 128 -17.19 -12.46 6.64
N ALA B 129 -17.41 -12.61 7.94
CA ALA B 129 -17.34 -11.45 8.85
C ALA B 129 -15.89 -11.00 8.89
N TYR B 130 -14.96 -11.96 8.87
CA TYR B 130 -13.57 -11.51 8.89
C TYR B 130 -13.24 -10.72 7.61
N GLY B 131 -13.65 -11.23 6.46
CA GLY B 131 -13.39 -10.58 5.20
C GLY B 131 -13.95 -9.16 5.22
N LYS B 132 -15.13 -8.99 5.84
CA LYS B 132 -15.74 -7.66 5.94
C LYS B 132 -14.84 -6.69 6.77
N GLN B 133 -14.29 -7.22 7.86
CA GLN B 133 -13.41 -6.43 8.74
C GLN B 133 -12.16 -5.97 8.03
N LEU B 134 -11.53 -6.90 7.33
CA LEU B 134 -10.33 -6.59 6.59
C LEU B 134 -10.65 -5.53 5.56
N ALA B 135 -11.80 -5.68 4.89
CA ALA B 135 -12.17 -4.70 3.88
C ALA B 135 -12.37 -3.30 4.45
N SER B 136 -12.73 -3.16 5.74
CA SER B 136 -12.87 -1.84 6.31
C SER B 136 -11.57 -1.30 6.84
N LEU B 137 -10.59 -2.18 7.07
CA LEU B 137 -9.33 -1.76 7.63
C LEU B 137 -8.16 -1.62 6.69
N LEU B 138 -8.11 -2.45 5.68
CA LEU B 138 -6.97 -2.45 4.79
C LEU B 138 -7.31 -1.93 3.43
N PRO B 139 -6.26 -1.55 2.69
CA PRO B 139 -6.32 -1.16 1.27
C PRO B 139 -6.84 -2.34 0.46
N LEU B 140 -7.71 -2.05 -0.51
CA LEU B 140 -8.30 -3.10 -1.35
C LEU B 140 -7.75 -3.01 -2.75
N LYS B 141 -7.26 -4.13 -3.25
CA LYS B 141 -6.60 -4.15 -4.54
C LYS B 141 -7.18 -5.17 -5.49
N SER B 142 -7.39 -4.75 -6.74
CA SER B 142 -7.97 -5.62 -7.75
C SER B 142 -7.03 -6.77 -8.11
N VAL B 143 -7.58 -7.98 -8.21
CA VAL B 143 -6.77 -9.13 -8.61
C VAL B 143 -6.78 -9.23 -10.13
N GLY B 144 -5.65 -8.97 -10.76
CA GLY B 144 -5.58 -8.96 -12.21
C GLY B 144 -6.24 -7.68 -12.69
N GLU B 145 -6.10 -7.38 -13.98
CA GLU B 145 -6.69 -6.18 -14.56
C GLU B 145 -8.19 -6.13 -14.27
N ALA B 146 -8.62 -5.12 -13.50
CA ALA B 146 -10.04 -4.93 -13.22
C ALA B 146 -10.76 -5.95 -12.32
N GLY B 147 -10.07 -6.99 -11.85
CA GLY B 147 -10.66 -8.05 -11.07
C GLY B 147 -11.27 -7.78 -9.70
N PRO B 148 -11.67 -8.86 -8.99
CA PRO B 148 -12.24 -8.67 -7.65
C PRO B 148 -11.14 -8.09 -6.75
N LYS B 149 -11.53 -7.32 -5.75
CA LYS B 149 -10.53 -6.71 -4.90
C LYS B 149 -10.34 -7.42 -3.57
N VAL B 150 -9.08 -7.61 -3.19
CA VAL B 150 -8.82 -8.24 -1.90
C VAL B 150 -8.00 -7.30 -1.04
N PRO B 151 -8.09 -7.46 0.27
CA PRO B 151 -7.29 -6.65 1.16
C PRO B 151 -5.82 -6.90 0.99
N VAL B 152 -5.06 -5.82 1.07
CA VAL B 152 -3.61 -5.86 1.02
C VAL B 152 -2.97 -5.77 2.44
N PHE B 153 -2.35 -6.88 2.85
CA PHE B 153 -1.63 -6.92 4.12
C PHE B 153 -0.27 -6.37 3.88
N ASP B 154 0.29 -5.72 4.89
CA ASP B 154 1.66 -5.30 4.82
C ASP B 154 2.55 -6.51 4.95
N VAL B 155 2.20 -7.40 5.88
CA VAL B 155 3.02 -8.57 6.15
C VAL B 155 2.14 -9.76 6.39
N VAL B 156 2.41 -10.89 5.73
CA VAL B 156 1.65 -12.12 6.08
C VAL B 156 2.76 -13.06 6.54
N LEU B 157 2.62 -13.67 7.70
CA LEU B 157 3.62 -14.64 8.16
C LEU B 157 3.06 -16.01 7.87
N LEU B 158 3.92 -16.93 7.42
CA LEU B 158 3.47 -18.28 7.12
C LEU B 158 4.43 -19.37 7.63
N GLY B 159 3.87 -20.54 7.88
CA GLY B 159 4.64 -21.73 8.19
C GLY B 159 4.39 -22.72 7.04
N LEU B 160 5.01 -23.90 7.14
CA LEU B 160 4.83 -24.93 6.13
C LEU B 160 4.57 -26.26 6.82
N GLY B 161 3.73 -27.09 6.23
CA GLY B 161 3.39 -28.39 6.79
C GLY B 161 4.11 -29.44 5.97
N SER B 162 4.29 -30.62 6.53
CA SER B 162 5.05 -31.66 5.83
C SER B 162 4.25 -32.25 4.70
N ASP B 163 2.98 -31.89 4.62
CA ASP B 163 2.12 -32.31 3.51
C ASP B 163 2.15 -31.29 2.35
N GLY B 164 2.95 -30.25 2.51
CA GLY B 164 3.06 -29.21 1.50
C GLY B 164 2.12 -28.01 1.73
N HIS B 165 1.24 -28.08 2.72
CA HIS B 165 0.35 -26.94 2.97
C HIS B 165 0.93 -25.68 3.66
N THR B 166 0.19 -24.59 3.62
CA THR B 166 0.55 -23.35 4.33
C THR B 166 -0.78 -22.75 4.81
N ALA B 167 -0.74 -21.98 5.90
CA ALA B 167 -1.93 -21.35 6.48
C ALA B 167 -2.88 -22.52 6.74
N SER B 168 -4.15 -22.42 6.34
CA SER B 168 -5.03 -23.59 6.41
C SER B 168 -5.53 -23.99 4.97
N ILE B 169 -4.63 -23.88 4.00
CA ILE B 169 -4.90 -24.24 2.60
C ILE B 169 -4.27 -25.62 2.36
N PHE B 170 -5.13 -26.64 2.36
CA PHE B 170 -4.70 -28.02 2.31
C PHE B 170 -4.57 -28.63 0.94
N PRO B 171 -3.83 -29.74 0.81
CA PRO B 171 -3.68 -30.25 -0.56
C PRO B 171 -5.02 -30.72 -1.13
N GLY B 172 -5.22 -30.44 -2.42
CA GLY B 172 -6.40 -30.85 -3.16
C GLY B 172 -7.67 -30.19 -2.69
N SER B 173 -7.50 -29.08 -1.97
CA SER B 173 -8.65 -28.44 -1.35
C SER B 173 -9.33 -27.41 -2.21
N GLN B 174 -10.50 -26.99 -1.76
CA GLN B 174 -11.22 -25.92 -2.43
C GLN B 174 -10.51 -24.60 -2.15
N ALA B 175 -9.99 -24.43 -0.93
CA ALA B 175 -9.33 -23.16 -0.58
C ALA B 175 -8.18 -22.90 -1.57
N GLU B 176 -7.46 -23.97 -1.91
CA GLU B 176 -6.34 -23.90 -2.86
C GLU B 176 -6.75 -23.33 -4.22
N LYS B 177 -7.99 -23.58 -4.63
CA LYS B 177 -8.52 -23.07 -5.90
C LYS B 177 -8.94 -21.62 -5.79
N GLU B 178 -8.91 -21.05 -4.59
CA GLU B 178 -9.38 -19.69 -4.44
C GLU B 178 -8.32 -18.63 -4.71
N THR B 179 -7.99 -18.48 -5.99
CA THR B 179 -6.89 -17.63 -6.46
C THR B 179 -7.24 -16.34 -7.18
N ASP B 180 -8.47 -16.22 -7.65
CA ASP B 180 -8.87 -15.04 -8.42
C ASP B 180 -9.34 -13.80 -7.63
N GLY B 181 -9.39 -13.89 -6.29
CA GLY B 181 -9.82 -12.77 -5.46
C GLY B 181 -11.31 -12.72 -5.08
N LYS B 182 -12.14 -13.57 -5.68
CA LYS B 182 -13.58 -13.62 -5.33
C LYS B 182 -13.73 -14.03 -3.86
N VAL B 183 -12.82 -14.86 -3.37
CA VAL B 183 -12.89 -15.31 -1.98
C VAL B 183 -11.67 -14.77 -1.25
N VAL B 184 -11.94 -13.96 -0.23
CA VAL B 184 -10.89 -13.31 0.56
C VAL B 184 -10.36 -14.20 1.70
N VAL B 185 -11.32 -14.79 2.41
CA VAL B 185 -11.06 -15.69 3.49
C VAL B 185 -11.74 -16.98 3.13
N SER B 186 -10.98 -18.06 2.98
CA SER B 186 -11.60 -19.34 2.67
C SER B 186 -11.79 -20.15 3.94
N VAL B 187 -12.31 -21.35 3.74
CA VAL B 187 -12.52 -22.32 4.81
C VAL B 187 -11.87 -23.62 4.33
N GLY B 188 -11.53 -24.50 5.26
CA GLY B 188 -10.94 -25.79 4.95
C GLY B 188 -10.94 -26.76 6.11
N PHE B 189 -10.75 -28.04 5.76
CA PHE B 189 -10.64 -29.15 6.71
C PHE B 189 -9.26 -29.87 6.50
N PRO B 190 -8.52 -30.12 7.60
CA PRO B 190 -7.17 -30.69 7.39
C PRO B 190 -7.09 -31.99 6.60
N SER B 191 -5.91 -32.20 6.03
CA SER B 191 -5.56 -33.43 5.33
C SER B 191 -5.41 -34.54 6.39
N GLU B 192 -5.41 -35.80 5.98
CA GLU B 192 -5.35 -36.95 6.89
C GLU B 192 -4.35 -36.87 8.04
N THR B 193 -3.12 -36.51 7.70
CA THR B 193 -2.01 -36.43 8.65
C THR B 193 -2.04 -35.23 9.61
N MET B 194 -2.95 -34.28 9.38
CA MET B 194 -3.00 -33.09 10.24
C MET B 194 -4.15 -32.96 11.26
N LYS B 195 -3.79 -32.58 12.48
CA LYS B 195 -4.74 -32.36 13.59
C LYS B 195 -4.53 -30.92 14.08
N PRO B 196 -5.52 -30.33 14.77
CA PRO B 196 -6.82 -30.88 15.17
C PRO B 196 -7.80 -30.98 14.00
N LYS B 197 -8.63 -32.01 14.11
CA LYS B 197 -9.65 -32.33 13.11
C LYS B 197 -10.84 -31.44 13.29
N VAL B 198 -10.67 -30.19 12.88
CA VAL B 198 -11.73 -29.21 13.01
C VAL B 198 -11.68 -28.32 11.80
N TRP B 199 -12.82 -27.73 11.46
CA TRP B 199 -12.86 -26.78 10.37
C TRP B 199 -11.94 -25.59 10.65
N ARG B 200 -11.43 -25.00 9.58
CA ARG B 200 -10.53 -23.86 9.64
C ARG B 200 -11.06 -22.72 8.79
N VAL B 201 -10.54 -21.54 9.11
CA VAL B 201 -10.76 -20.36 8.33
C VAL B 201 -9.35 -19.96 7.92
N THR B 202 -9.21 -19.43 6.72
CA THR B 202 -7.88 -19.10 6.23
C THR B 202 -7.92 -18.01 5.19
N LEU B 203 -6.85 -17.22 5.13
CA LEU B 203 -6.76 -16.24 4.07
C LEU B 203 -6.61 -17.11 2.82
N SER B 204 -7.23 -16.69 1.71
CA SER B 204 -7.15 -17.46 0.45
C SER B 204 -5.77 -17.24 -0.18
N PRO B 205 -5.39 -18.10 -1.16
CA PRO B 205 -4.14 -17.85 -1.87
C PRO B 205 -4.18 -16.46 -2.50
N ALA B 206 -5.33 -16.09 -3.03
CA ALA B 206 -5.48 -14.78 -3.69
C ALA B 206 -5.04 -13.65 -2.73
N THR B 207 -5.57 -13.69 -1.51
CA THR B 207 -5.26 -12.63 -0.55
C THR B 207 -3.75 -12.62 -0.25
N ILE B 208 -3.24 -13.81 0.01
CA ILE B 208 -1.83 -13.97 0.34
C ILE B 208 -0.96 -13.43 -0.74
N MET B 209 -1.34 -13.67 -1.99
CA MET B 209 -0.57 -13.19 -3.13
C MET B 209 -0.57 -11.66 -3.32
N GLN B 210 -1.45 -10.94 -2.63
CA GLN B 210 -1.49 -9.48 -2.78
C GLN B 210 -0.74 -8.77 -1.63
N ALA B 211 -0.28 -9.54 -0.64
CA ALA B 211 0.44 -8.95 0.50
C ALA B 211 1.74 -8.31 -0.01
N ARG B 212 2.15 -7.24 0.65
CA ARG B 212 3.40 -6.58 0.25
C ARG B 212 4.61 -7.39 0.68
N ASN B 213 4.52 -8.14 1.78
CA ASN B 213 5.67 -8.92 2.25
C ASN B 213 5.15 -10.25 2.80
N VAL B 214 5.79 -11.35 2.41
CA VAL B 214 5.36 -12.66 2.89
C VAL B 214 6.60 -13.25 3.47
N ILE B 215 6.50 -13.68 4.74
CA ILE B 215 7.64 -14.26 5.43
C ILE B 215 7.29 -15.66 5.81
N VAL B 216 8.08 -16.60 5.29
CA VAL B 216 7.88 -18.05 5.52
C VAL B 216 8.99 -18.53 6.50
N LEU B 217 8.56 -19.05 7.64
CA LEU B 217 9.46 -19.59 8.65
C LEU B 217 9.21 -21.07 8.65
N ALA B 218 10.26 -21.87 8.41
CA ALA B 218 10.08 -23.31 8.40
C ALA B 218 11.37 -24.07 8.68
N THR B 219 11.22 -25.19 9.38
CA THR B 219 12.37 -26.03 9.72
C THR B 219 12.04 -27.50 9.55
N GLY B 220 13.07 -28.35 9.47
CA GLY B 220 12.82 -29.76 9.48
C GLY B 220 13.07 -30.50 8.20
N ALA B 221 13.76 -31.63 8.35
CA ALA B 221 14.13 -32.45 7.20
C ALA B 221 12.86 -32.92 6.49
N GLU B 222 11.80 -33.13 7.27
CA GLU B 222 10.48 -33.59 6.78
C GLU B 222 9.68 -32.59 5.93
N LYS B 223 10.15 -31.34 5.85
CA LYS B 223 9.50 -30.31 5.06
C LYS B 223 10.42 -29.86 3.97
N LYS B 224 11.56 -30.53 3.83
CA LYS B 224 12.52 -30.14 2.82
C LYS B 224 11.97 -30.30 1.39
N TRP B 225 11.21 -31.37 1.13
CA TRP B 225 10.62 -31.53 -0.20
C TRP B 225 9.74 -30.32 -0.54
N VAL B 226 9.06 -29.77 0.46
CA VAL B 226 8.16 -28.62 0.27
C VAL B 226 8.90 -27.40 -0.23
N VAL B 227 9.99 -27.04 0.43
CA VAL B 227 10.83 -25.91 0.00
C VAL B 227 11.38 -26.16 -1.43
N ASP B 228 12.02 -27.32 -1.62
CA ASP B 228 12.48 -27.70 -2.94
C ASP B 228 11.34 -27.59 -3.95
N GLY B 229 10.17 -28.11 -3.62
CA GLY B 229 9.06 -28.02 -4.56
C GLY B 229 8.60 -26.61 -4.87
N ILE B 230 8.80 -25.67 -3.94
CA ILE B 230 8.38 -24.28 -4.18
C ILE B 230 9.40 -23.61 -5.12
N LEU B 231 10.67 -23.81 -4.83
CA LEU B 231 11.80 -23.17 -5.57
C LEU B 231 12.12 -23.79 -6.91
N ALA B 232 11.73 -25.05 -7.10
CA ALA B 232 12.05 -25.72 -8.36
C ALA B 232 11.57 -24.93 -9.59
N ASP B 233 12.44 -24.82 -10.60
CA ASP B 233 12.09 -24.11 -11.81
C ASP B 233 10.80 -24.66 -12.38
N THR B 234 10.65 -25.97 -12.33
CA THR B 234 9.45 -26.56 -12.90
C THR B 234 8.59 -27.27 -11.88
N ALA B 235 7.28 -27.16 -12.05
CA ALA B 235 6.37 -27.83 -11.16
C ALA B 235 6.33 -29.31 -11.54
N HIS B 236 6.44 -30.15 -10.54
CA HIS B 236 6.29 -31.58 -10.70
C HIS B 236 5.97 -32.05 -9.30
N LYS B 237 4.78 -32.65 -9.13
CA LYS B 237 4.31 -33.15 -7.83
C LYS B 237 4.48 -32.08 -6.79
N ALA B 238 4.08 -30.87 -7.19
CA ALA B 238 4.26 -29.68 -6.39
C ALA B 238 3.45 -29.63 -5.11
N PRO B 239 4.05 -29.03 -4.07
CA PRO B 239 3.31 -28.81 -2.83
C PRO B 239 2.28 -27.66 -3.06
N VAL B 240 1.21 -27.66 -2.28
CA VAL B 240 0.18 -26.61 -2.32
C VAL B 240 0.88 -25.26 -2.29
N ALA B 241 1.84 -25.16 -1.38
CA ALA B 241 2.62 -23.94 -1.16
C ALA B 241 3.41 -23.36 -2.33
N ARG B 242 3.52 -24.08 -3.45
CA ARG B 242 4.16 -23.52 -4.63
C ARG B 242 3.38 -22.31 -5.15
N PHE B 243 2.11 -22.13 -4.73
CA PHE B 243 1.37 -20.94 -5.15
C PHE B 243 2.11 -19.64 -4.77
N LEU B 244 2.97 -19.70 -3.74
CA LEU B 244 3.73 -18.52 -3.30
C LEU B 244 4.68 -17.99 -4.38
N ARG B 245 4.90 -18.77 -5.44
CA ARG B 245 5.69 -18.26 -6.54
C ARG B 245 4.99 -17.06 -7.20
N GLY B 246 3.66 -17.02 -7.14
CA GLY B 246 2.89 -15.95 -7.75
C GLY B 246 2.62 -14.76 -6.84
N CYS B 247 3.28 -14.71 -5.68
CA CYS B 247 3.04 -13.57 -4.78
C CYS B 247 3.47 -12.28 -5.49
N GLU B 248 2.69 -11.21 -5.32
CA GLU B 248 3.06 -9.90 -5.89
C GLU B 248 4.05 -9.09 -5.04
N GLY B 249 4.22 -9.47 -3.78
CA GLY B 249 5.10 -8.73 -2.88
C GLY B 249 6.39 -9.47 -2.68
N ASN B 250 7.19 -9.03 -1.71
CA ASN B 250 8.44 -9.71 -1.41
C ASN B 250 8.16 -11.00 -0.68
N VAL B 251 8.92 -12.04 -1.02
CA VAL B 251 8.79 -13.30 -0.32
C VAL B 251 10.15 -13.60 0.31
N SER B 252 10.14 -14.04 1.57
CA SER B 252 11.40 -14.44 2.22
C SER B 252 11.11 -15.77 2.85
N PHE B 253 12.12 -16.65 2.86
CA PHE B 253 12.05 -17.90 3.60
C PHE B 253 13.15 -17.85 4.64
N LEU B 254 12.77 -18.10 5.90
CA LEU B 254 13.67 -18.17 7.05
C LEU B 254 13.69 -19.65 7.42
N LEU B 255 14.82 -20.30 7.16
CA LEU B 255 14.94 -21.74 7.29
C LEU B 255 16.03 -22.25 8.23
N ASP B 256 15.93 -23.52 8.63
CA ASP B 256 17.03 -24.15 9.38
C ASP B 256 17.91 -24.91 8.37
N LYS B 257 18.96 -25.56 8.84
CA LYS B 257 19.90 -26.23 7.94
C LYS B 257 19.31 -27.47 7.27
N GLU B 258 18.52 -28.21 8.05
CA GLU B 258 17.91 -29.44 7.64
C GLU B 258 16.94 -29.26 6.46
N ILE B 259 16.16 -28.18 6.53
CA ILE B 259 15.14 -27.93 5.53
C ILE B 259 15.74 -27.41 4.21
N ALA B 260 16.88 -26.75 4.34
CA ALA B 260 17.59 -26.08 3.25
C ALA B 260 18.73 -26.86 2.65
N GLU B 261 18.87 -28.12 3.05
CA GLU B 261 20.00 -28.94 2.63
C GLU B 261 20.23 -29.14 1.13
N ASN B 262 19.24 -28.78 0.30
CA ASN B 262 19.42 -28.90 -1.15
C ASN B 262 19.60 -27.52 -1.80
N LEU B 263 19.42 -26.46 -1.03
CA LEU B 263 19.58 -25.12 -1.58
C LEU B 263 21.07 -24.88 -1.86
N ALA B 264 21.39 -24.77 -3.15
CA ALA B 264 22.76 -24.55 -3.61
C ALA B 264 23.44 -23.34 -2.95
#